data_6PZD
#
_entry.id   6PZD
#
_cell.length_a   182.219
_cell.length_b   182.219
_cell.length_c   182.219
_cell.angle_alpha   90.00
_cell.angle_beta   90.00
_cell.angle_gamma   90.00
#
_symmetry.space_group_name_H-M   'I 4 3 2'
#
loop_
_entity.id
_entity.type
_entity.pdbx_description
1 polymer Neuraminidase
2 branched alpha-D-mannopyranose-(1-2)-alpha-D-mannopyranose-(1-2)-alpha-D-mannopyranose-(1-3)-[alpha-D-mannopyranose-(1-2)-alpha-D-mannopyranose-(1-3)-[alpha-D-mannopyranose-(1-6)]alpha-D-mannopyranose-(1-6)]beta-D-mannopyranose-(1-4)-2-acetamido-2-deoxy-beta-D-glucopyranose-(1-4)-2-acetamido-2-deoxy-beta-D-glucopyranose
3 non-polymer 1,2-ETHANEDIOL
4 non-polymer '2-(N-MORPHOLINO)-ETHANESULFONIC ACID'
5 non-polymer 2-acetamido-2-deoxy-beta-D-glucopyranose
6 non-polymer 'CALCIUM ION'
7 water water
#
_entity_poly.entity_id   1
_entity_poly.type   'polypeptide(L)'
_entity_poly.pdbx_seq_one_letter_code
;GSPSRRNFNNLTKGLCTINSWHIYGKDNAVRIGESSDVLVTREPYVSCDPDECRFYALSQGTTIRGKHSNGTIHDRSQYR
ALISWPLSSPPTVHNSRVECIGWSSTSCHDGKSRMSICISGPNNNASAVVWYNRRPVAEINTWARNILRTQESECVCHNG
VCPVVFTDGSATGPADTRIYYFKEGKILKWESLTGTAKHIEECSCYGERTGITCTCRDNWQGSNRPVIQIDPVAMTHTSQ
YICSPVLTDNPRPNDPNIGKCNDPYPGNNNNGVKGFSYLDGANTWLGRTISTASRSGYEMLKVPNALTDDRSKPIQGQTI
VLNADWSGYSGSFMDYWAEGDCYRACFYVELIRGRPKEDKVWWTSNSIVSMCSSTEFLGQWNWPDGAKIEYFL
;
_entity_poly.pdbx_strand_id   A
#
loop_
_chem_comp.id
_chem_comp.type
_chem_comp.name
_chem_comp.formula
BMA D-saccharide, beta linking beta-D-mannopyranose 'C6 H12 O6'
CA non-polymer 'CALCIUM ION' 'Ca 2'
EDO non-polymer 1,2-ETHANEDIOL 'C2 H6 O2'
MAN D-saccharide, alpha linking alpha-D-mannopyranose 'C6 H12 O6'
MES non-polymer '2-(N-MORPHOLINO)-ETHANESULFONIC ACID' 'C6 H13 N O4 S'
NAG D-saccharide, beta linking 2-acetamido-2-deoxy-beta-D-glucopyranose 'C8 H15 N O6'
#
# COMPACT_ATOMS: atom_id res chain seq x y z
N ARG A 5 6.02 -2.86 -29.56
CA ARG A 5 6.36 -4.28 -29.56
C ARG A 5 5.75 -4.97 -28.34
N ARG A 6 5.71 -4.28 -27.21
CA ARG A 6 5.17 -4.85 -25.99
CA ARG A 6 5.18 -4.89 -26.00
C ARG A 6 3.66 -4.99 -26.06
N ASN A 7 3.13 -5.97 -25.34
CA ASN A 7 1.69 -6.16 -25.21
C ASN A 7 1.27 -5.84 -23.79
N PHE A 8 0.00 -5.47 -23.65
CA PHE A 8 -0.57 -5.30 -22.32
C PHE A 8 -0.51 -6.62 -21.56
N ASN A 9 -0.23 -6.54 -20.28
CA ASN A 9 -0.25 -7.74 -19.45
C ASN A 9 -1.68 -8.16 -19.16
N ASN A 10 -1.92 -9.46 -19.21
CA ASN A 10 -3.17 -10.07 -18.80
C ASN A 10 -2.96 -10.90 -17.57
N LEU A 11 -3.93 -10.86 -16.67
CA LEU A 11 -3.90 -11.61 -15.41
C LEU A 11 -4.40 -13.02 -15.69
N THR A 12 -3.48 -13.96 -15.90
CA THR A 12 -3.82 -15.28 -16.39
C THR A 12 -3.41 -16.39 -15.43
N LYS A 13 -2.84 -16.08 -14.28
CA LYS A 13 -2.32 -17.06 -13.34
C LYS A 13 -3.02 -16.90 -12.00
N GLY A 14 -3.02 -17.97 -11.21
CA GLY A 14 -3.39 -17.88 -9.82
C GLY A 14 -2.18 -17.55 -8.96
N LEU A 15 -2.43 -17.37 -7.66
CA LEU A 15 -1.35 -17.15 -6.72
C LEU A 15 -0.58 -18.45 -6.50
N CYS A 16 0.73 -18.32 -6.29
CA CYS A 16 1.50 -19.46 -5.84
CA CYS A 16 1.51 -19.46 -5.84
C CYS A 16 1.07 -19.84 -4.43
N THR A 17 1.27 -21.12 -4.09
CA THR A 17 0.99 -21.56 -2.73
C THR A 17 1.98 -20.91 -1.77
N ILE A 18 1.45 -20.27 -0.73
CA ILE A 18 2.24 -19.51 0.23
C ILE A 18 2.49 -20.41 1.45
N ASN A 19 3.70 -20.93 1.58
CA ASN A 19 4.06 -21.71 2.75
C ASN A 19 4.98 -20.97 3.71
N SER A 20 5.55 -19.85 3.30
CA SER A 20 6.34 -18.97 4.15
C SER A 20 6.67 -17.74 3.31
N TRP A 21 7.42 -16.82 3.89
CA TRP A 21 7.80 -15.58 3.24
C TRP A 21 9.31 -15.44 3.30
N HIS A 22 9.92 -15.01 2.19
CA HIS A 22 11.35 -14.78 2.11
C HIS A 22 11.64 -13.31 1.90
N ILE A 23 12.83 -12.87 2.34
CA ILE A 23 13.22 -11.49 2.15
C ILE A 23 13.35 -11.18 0.66
N TYR A 24 12.82 -10.02 0.27
CA TYR A 24 12.85 -9.54 -1.10
C TYR A 24 13.69 -8.28 -1.23
N GLY A 25 13.42 -7.28 -0.43
CA GLY A 25 14.21 -6.05 -0.46
C GLY A 25 14.15 -5.33 0.87
N LYS A 26 15.15 -4.51 1.10
CA LYS A 26 15.24 -3.73 2.34
C LYS A 26 16.19 -2.59 2.03
N ASP A 27 15.83 -1.35 2.38
CA ASP A 27 16.71 -0.24 1.99
C ASP A 27 17.53 0.37 3.12
N ASN A 28 17.23 0.09 4.38
CA ASN A 28 18.06 0.65 5.46
C ASN A 28 18.20 2.17 5.36
N ALA A 29 17.11 2.83 4.95
CA ALA A 29 17.20 4.23 4.54
C ALA A 29 17.55 5.16 5.69
N VAL A 30 17.01 4.90 6.89
CA VAL A 30 17.27 5.79 8.01
C VAL A 30 18.69 5.62 8.52
N ARG A 31 19.18 4.38 8.58
CA ARG A 31 20.60 4.15 8.90
C ARG A 31 21.51 4.91 7.96
N ILE A 32 21.27 4.75 6.65
CA ILE A 32 22.15 5.37 5.68
C ILE A 32 22.00 6.87 5.70
N GLY A 33 20.77 7.35 5.87
CA GLY A 33 20.47 8.77 5.88
C GLY A 33 21.00 9.54 7.07
N GLU A 34 21.49 8.84 8.10
CA GLU A 34 22.20 9.51 9.17
C GLU A 34 23.42 10.25 8.64
N SER A 35 24.01 9.80 7.51
CA SER A 35 25.25 10.34 6.99
CA SER A 35 25.19 10.48 6.99
C SER A 35 25.26 10.48 5.46
N SER A 36 24.13 10.59 4.80
N SER A 36 24.11 10.54 4.80
N SER A 36 24.11 10.55 4.80
CA SER A 36 24.13 10.81 3.36
CA SER A 36 24.02 10.61 3.35
CA SER A 36 24.02 10.61 3.34
C SER A 36 22.87 11.58 3.01
C SER A 36 22.76 11.40 2.99
C SER A 36 22.75 11.36 2.98
N ASP A 37 22.68 11.81 1.72
CA ASP A 37 21.58 12.67 1.24
C ASP A 37 20.32 11.88 0.91
N VAL A 38 19.79 11.22 1.93
CA VAL A 38 18.57 10.45 1.81
C VAL A 38 17.37 11.38 2.03
N LEU A 39 16.41 11.33 1.12
CA LEU A 39 15.20 12.12 1.23
C LEU A 39 14.33 11.60 2.36
N VAL A 40 13.70 12.51 3.09
CA VAL A 40 12.61 12.16 4.00
C VAL A 40 11.42 11.68 3.17
N THR A 41 10.83 10.57 3.57
CA THR A 41 9.68 9.99 2.88
C THR A 41 8.64 9.55 3.89
N ARG A 42 7.50 9.13 3.36
CA ARG A 42 6.55 8.25 4.03
C ARG A 42 5.65 7.67 2.94
N GLU A 43 4.74 6.79 3.33
CA GLU A 43 3.81 6.15 2.38
C GLU A 43 4.54 5.47 1.22
N PRO A 44 5.48 4.57 1.53
CA PRO A 44 6.22 3.86 0.47
C PRO A 44 5.39 2.71 -0.10
N TYR A 45 5.88 2.19 -1.21
CA TYR A 45 5.36 0.96 -1.79
C TYR A 45 6.38 0.42 -2.78
N VAL A 46 6.03 -0.67 -3.45
CA VAL A 46 6.89 -1.33 -4.42
C VAL A 46 6.03 -1.58 -5.65
N SER A 47 6.63 -1.48 -6.84
CA SER A 47 5.89 -1.76 -8.06
C SER A 47 6.88 -2.19 -9.13
N CYS A 48 6.46 -3.13 -9.96
CA CYS A 48 7.32 -3.70 -10.99
CA CYS A 48 7.32 -3.70 -10.99
C CYS A 48 6.93 -3.22 -12.38
N ASP A 49 7.96 -3.02 -13.19
CA ASP A 49 7.89 -2.90 -14.63
C ASP A 49 8.25 -4.26 -15.22
N PRO A 50 8.13 -4.44 -16.54
CA PRO A 50 8.48 -5.74 -17.13
C PRO A 50 9.93 -6.12 -16.95
N ASP A 51 10.82 -5.16 -16.74
CA ASP A 51 12.25 -5.40 -16.70
CA ASP A 51 12.24 -5.48 -16.67
C ASP A 51 12.93 -4.98 -15.41
N GLU A 52 12.19 -4.49 -14.42
CA GLU A 52 12.78 -3.95 -13.20
CA GLU A 52 12.78 -4.13 -13.15
C GLU A 52 11.68 -3.78 -12.16
N CYS A 53 12.00 -3.96 -10.90
CA CYS A 53 11.10 -3.60 -9.81
CA CYS A 53 11.12 -3.62 -9.78
CA CYS A 53 11.13 -3.62 -9.78
C CYS A 53 11.77 -2.47 -9.01
N ARG A 54 10.95 -1.52 -8.53
CA ARG A 54 11.45 -0.32 -7.89
C ARG A 54 10.67 -0.03 -6.63
N PHE A 55 11.34 0.69 -5.73
CA PHE A 55 10.69 1.27 -4.56
C PHE A 55 10.09 2.62 -4.95
N TYR A 56 8.99 2.97 -4.27
CA TYR A 56 8.25 4.21 -4.46
C TYR A 56 7.93 4.79 -3.09
N ALA A 57 7.76 6.11 -3.02
CA ALA A 57 7.27 6.74 -1.81
C ALA A 57 6.95 8.20 -2.08
N LEU A 58 6.34 8.85 -1.09
CA LEU A 58 6.12 10.29 -1.15
C LEU A 58 7.27 11.00 -0.44
N SER A 59 8.10 11.67 -1.21
CA SER A 59 9.13 12.53 -0.65
CA SER A 59 9.13 12.50 -0.61
C SER A 59 8.49 13.69 0.11
N GLN A 60 9.27 14.27 1.03
CA GLN A 60 8.95 15.51 1.71
C GLN A 60 9.79 16.69 1.20
N GLY A 61 10.61 16.48 0.17
CA GLY A 61 11.32 17.62 -0.40
C GLY A 61 12.42 18.16 0.47
N THR A 62 13.11 17.28 1.19
CA THR A 62 14.20 17.60 2.09
C THR A 62 14.91 16.30 2.40
N THR A 63 16.20 16.38 2.74
CA THR A 63 16.88 15.22 3.30
C THR A 63 16.65 15.13 4.81
N ILE A 64 16.96 13.97 5.38
CA ILE A 64 16.72 13.72 6.82
CA ILE A 64 16.66 13.76 6.79
C ILE A 64 17.60 14.59 7.67
N ARG A 65 18.89 14.71 7.29
CA ARG A 65 19.81 15.56 8.04
C ARG A 65 19.61 17.03 7.73
N GLY A 66 18.91 17.36 6.66
CA GLY A 66 18.63 18.75 6.38
C GLY A 66 17.74 19.38 7.43
N LYS A 67 17.92 20.68 7.63
CA LYS A 67 17.11 21.39 8.60
C LYS A 67 15.63 21.40 8.23
N HIS A 68 15.29 21.29 6.94
CA HIS A 68 13.89 21.25 6.55
C HIS A 68 13.22 19.93 6.90
N SER A 69 13.94 18.97 7.48
CA SER A 69 13.27 17.78 8.00
C SER A 69 12.39 18.10 9.19
N ASN A 70 12.62 19.24 9.84
CA ASN A 70 11.80 19.64 10.98
C ASN A 70 10.40 19.96 10.49
N GLY A 71 9.41 19.22 11.00
CA GLY A 71 8.02 19.42 10.63
C GLY A 71 7.47 18.38 9.68
N THR A 72 8.25 17.37 9.32
CA THR A 72 7.81 16.36 8.35
C THR A 72 6.82 15.35 8.90
N ILE A 73 6.35 15.49 10.14
CA ILE A 73 5.16 14.73 10.53
C ILE A 73 3.97 15.11 9.66
N HIS A 74 3.95 16.32 9.11
CA HIS A 74 2.77 16.77 8.38
CA HIS A 74 2.78 16.78 8.37
C HIS A 74 2.61 16.04 7.05
N ASP A 75 1.37 15.74 6.71
CA ASP A 75 1.08 14.87 5.58
C ASP A 75 1.04 15.56 4.22
N ARG A 76 0.60 16.81 4.15
CA ARG A 76 0.31 17.44 2.86
C ARG A 76 1.01 18.78 2.78
N SER A 77 1.82 18.95 1.76
CA SER A 77 2.48 20.21 1.48
C SER A 77 2.79 20.23 0.00
N GLN A 78 3.20 21.40 -0.48
CA GLN A 78 3.62 21.63 -1.84
C GLN A 78 4.97 21.04 -2.15
N TYR A 79 5.66 20.46 -1.17
CA TYR A 79 7.02 20.01 -1.33
C TYR A 79 7.11 18.50 -1.46
N ARG A 80 5.97 17.82 -1.49
CA ARG A 80 5.91 16.37 -1.65
C ARG A 80 5.80 15.99 -3.12
N ALA A 81 6.28 14.78 -3.41
CA ALA A 81 6.24 14.22 -4.75
C ALA A 81 6.33 12.72 -4.66
N LEU A 82 5.70 12.02 -5.61
CA LEU A 82 5.94 10.60 -5.76
C LEU A 82 7.29 10.40 -6.42
N ILE A 83 8.17 9.65 -5.77
CA ILE A 83 9.47 9.29 -6.29
C ILE A 83 9.57 7.78 -6.40
N SER A 84 10.42 7.33 -7.32
CA SER A 84 10.81 5.92 -7.41
C SER A 84 12.33 5.81 -7.49
N TRP A 85 12.84 4.67 -7.06
CA TRP A 85 14.28 4.47 -7.04
C TRP A 85 14.59 2.97 -7.04
N PRO A 86 15.85 2.59 -7.28
CA PRO A 86 16.15 1.17 -7.44
C PRO A 86 15.90 0.34 -6.19
N LEU A 87 15.45 -0.89 -6.43
CA LEU A 87 15.11 -1.82 -5.37
CA LEU A 87 15.13 -1.83 -5.38
C LEU A 87 16.27 -1.95 -4.38
N SER A 88 15.95 -1.72 -3.11
CA SER A 88 16.84 -1.90 -1.98
C SER A 88 17.92 -0.84 -1.84
N SER A 89 18.04 0.11 -2.76
CA SER A 89 18.78 1.32 -2.46
C SER A 89 17.90 2.21 -1.60
N PRO A 90 18.46 3.19 -0.89
CA PRO A 90 17.61 4.18 -0.20
C PRO A 90 17.26 5.30 -1.15
N PRO A 91 16.22 6.07 -0.85
CA PRO A 91 15.81 7.16 -1.74
C PRO A 91 16.72 8.35 -1.50
N THR A 92 17.58 8.63 -2.46
CA THR A 92 18.49 9.75 -2.31
C THR A 92 18.13 10.82 -3.31
N VAL A 93 18.71 12.00 -3.09
CA VAL A 93 18.51 13.08 -4.04
CA VAL A 93 18.48 13.07 -4.04
C VAL A 93 18.93 12.64 -5.43
N HIS A 94 19.97 11.81 -5.50
CA HIS A 94 20.58 11.46 -6.77
C HIS A 94 19.93 10.30 -7.49
N ASN A 95 19.28 9.39 -6.79
CA ASN A 95 18.69 8.23 -7.47
C ASN A 95 17.17 8.26 -7.53
N SER A 96 16.54 9.28 -6.94
N SER A 96 16.52 9.32 -7.03
CA SER A 96 15.09 9.32 -6.85
CA SER A 96 15.07 9.34 -6.84
C SER A 96 14.54 10.02 -8.09
C SER A 96 14.39 10.06 -8.01
N ARG A 97 13.75 9.30 -8.90
CA ARG A 97 13.11 9.83 -10.08
C ARG A 97 11.70 10.29 -9.71
N VAL A 98 11.39 11.55 -9.98
CA VAL A 98 10.04 12.06 -9.69
C VAL A 98 9.05 11.56 -10.73
N GLU A 99 8.00 10.91 -10.26
CA GLU A 99 6.91 10.44 -11.09
C GLU A 99 5.85 11.51 -11.28
N CYS A 100 5.56 12.29 -10.25
CA CYS A 100 4.60 13.39 -10.32
C CYS A 100 4.62 14.09 -8.96
N ILE A 101 4.02 15.26 -8.91
CA ILE A 101 4.01 16.13 -7.75
C ILE A 101 2.69 15.96 -6.99
N GLY A 102 2.77 15.77 -5.68
CA GLY A 102 1.59 15.70 -4.85
C GLY A 102 1.83 14.89 -3.59
N TRP A 103 0.74 14.65 -2.86
CA TRP A 103 0.78 14.14 -1.50
C TRP A 103 -0.10 12.92 -1.29
N SER A 104 -0.59 12.31 -2.37
CA SER A 104 -1.25 11.01 -2.32
C SER A 104 -1.09 10.40 -3.70
N SER A 105 -0.80 9.09 -3.79
CA SER A 105 -0.42 8.53 -5.08
C SER A 105 -0.81 7.08 -5.27
N THR A 106 -0.74 6.66 -6.52
CA THR A 106 -0.67 5.27 -6.92
C THR A 106 0.15 5.20 -8.21
N SER A 107 0.54 4.00 -8.60
CA SER A 107 1.30 3.80 -9.83
C SER A 107 1.23 2.32 -10.20
N CYS A 108 1.22 2.04 -11.51
CA CYS A 108 1.26 0.66 -11.99
C CYS A 108 1.68 0.64 -13.45
N HIS A 109 2.27 -0.47 -13.85
CA HIS A 109 2.66 -0.70 -15.24
C HIS A 109 1.64 -1.63 -15.90
N ASP A 110 1.25 -1.31 -17.12
CA ASP A 110 0.26 -2.11 -17.81
C ASP A 110 0.85 -3.14 -18.75
N GLY A 111 2.16 -3.26 -18.80
CA GLY A 111 2.88 -4.11 -19.72
C GLY A 111 3.54 -3.34 -20.85
N LYS A 112 2.94 -2.22 -21.23
CA LYS A 112 3.52 -1.31 -22.22
C LYS A 112 4.19 -0.12 -21.56
N SER A 113 3.47 0.62 -20.70
CA SER A 113 4.01 1.78 -20.02
CA SER A 113 4.04 1.75 -20.01
C SER A 113 3.43 1.88 -18.63
N ARG A 114 3.98 2.81 -17.84
CA ARG A 114 3.54 3.04 -16.48
C ARG A 114 2.58 4.22 -16.38
N MET A 115 1.53 4.03 -15.59
CA MET A 115 0.62 5.07 -15.16
C MET A 115 0.99 5.45 -13.73
N SER A 116 1.13 6.76 -13.47
CA SER A 116 1.32 7.25 -12.11
C SER A 116 0.31 8.36 -11.87
N ILE A 117 -0.30 8.36 -10.67
CA ILE A 117 -1.29 9.36 -10.33
C ILE A 117 -0.86 10.02 -9.04
N CYS A 118 -0.86 11.35 -9.04
CA CYS A 118 -0.56 12.15 -7.85
CA CYS A 118 -0.63 12.09 -7.80
C CYS A 118 -1.66 13.17 -7.65
N ILE A 119 -2.09 13.34 -6.41
CA ILE A 119 -3.07 14.34 -6.03
C ILE A 119 -2.34 15.45 -5.30
N SER A 120 -2.68 16.70 -5.64
CA SER A 120 -2.16 17.85 -4.94
C SER A 120 -3.27 18.85 -4.72
N GLY A 121 -3.00 19.85 -3.89
CA GLY A 121 -3.90 20.96 -3.66
C GLY A 121 -4.18 21.17 -2.20
N PRO A 122 -4.92 22.24 -1.91
CA PRO A 122 -5.45 22.44 -0.56
C PRO A 122 -6.57 21.42 -0.30
N ASN A 123 -6.94 21.29 0.98
CA ASN A 123 -7.89 20.25 1.36
C ASN A 123 -9.21 20.36 0.62
N ASN A 124 -9.66 21.58 0.34
CA ASN A 124 -10.96 21.82 -0.25
C ASN A 124 -10.91 22.00 -1.77
N ASN A 125 -9.77 21.72 -2.41
CA ASN A 125 -9.65 22.05 -3.83
C ASN A 125 -8.56 21.21 -4.49
N ALA A 126 -8.46 19.95 -4.09
CA ALA A 126 -7.42 19.07 -4.60
C ALA A 126 -7.80 18.48 -5.95
N SER A 127 -6.79 18.02 -6.67
CA SER A 127 -6.97 17.43 -7.98
C SER A 127 -5.93 16.36 -8.23
N ALA A 128 -6.35 15.33 -8.95
CA ALA A 128 -5.47 14.26 -9.40
C ALA A 128 -5.00 14.57 -10.82
N VAL A 129 -3.73 14.33 -11.08
CA VAL A 129 -3.19 14.30 -12.44
C VAL A 129 -2.69 12.90 -12.72
N VAL A 130 -3.15 12.35 -13.83
CA VAL A 130 -2.85 11.00 -14.28
C VAL A 130 -1.79 11.11 -15.36
N TRP A 131 -0.65 10.51 -15.08
CA TRP A 131 0.49 10.47 -15.97
C TRP A 131 0.58 9.09 -16.61
N TYR A 132 0.91 9.06 -17.88
CA TYR A 132 1.11 7.80 -18.59
C TYR A 132 2.32 7.94 -19.47
N ASN A 133 3.25 6.99 -19.37
CA ASN A 133 4.52 7.07 -20.03
C ASN A 133 5.14 8.45 -19.87
N ARG A 134 5.12 8.93 -18.63
CA ARG A 134 5.83 10.12 -18.18
C ARG A 134 5.28 11.42 -18.74
N ARG A 135 4.03 11.42 -19.18
CA ARG A 135 3.34 12.62 -19.62
C ARG A 135 1.99 12.73 -18.95
N PRO A 136 1.54 13.95 -18.64
CA PRO A 136 0.20 14.11 -18.07
C PRO A 136 -0.85 13.89 -19.15
N VAL A 137 -1.88 13.08 -18.83
CA VAL A 137 -2.89 12.67 -19.80
CA VAL A 137 -2.87 12.78 -19.84
C VAL A 137 -4.29 13.07 -19.38
N ALA A 138 -4.61 13.00 -18.09
CA ALA A 138 -5.97 13.27 -17.64
C ALA A 138 -5.89 13.90 -16.26
N GLU A 139 -6.92 14.65 -15.90
CA GLU A 139 -7.01 15.31 -14.61
C GLU A 139 -8.40 15.12 -14.03
N ILE A 140 -8.47 15.02 -12.70
CA ILE A 140 -9.73 14.79 -11.99
C ILE A 140 -9.80 15.76 -10.83
N ASN A 141 -10.82 16.61 -10.82
CA ASN A 141 -11.02 17.54 -9.72
C ASN A 141 -11.73 16.85 -8.54
N THR A 142 -11.45 17.34 -7.35
CA THR A 142 -12.19 16.93 -6.15
C THR A 142 -13.70 16.97 -6.40
N TRP A 143 -14.39 15.93 -5.93
CA TRP A 143 -15.85 15.86 -6.00
C TRP A 143 -16.55 16.10 -4.67
N ALA A 144 -15.84 16.01 -3.55
CA ALA A 144 -16.42 16.25 -2.24
C ALA A 144 -15.70 17.35 -1.48
N ARG A 145 -14.64 17.93 -2.05
CA ARG A 145 -13.96 19.08 -1.46
CA ARG A 145 -13.96 19.08 -1.46
C ARG A 145 -13.42 18.77 -0.06
N ASN A 146 -12.91 17.54 0.12
CA ASN A 146 -12.39 17.18 1.43
C ASN A 146 -11.34 16.09 1.27
N ILE A 147 -10.15 16.54 0.88
CA ILE A 147 -8.94 15.73 0.78
C ILE A 147 -9.14 14.54 -0.15
N LEU A 148 -9.33 14.82 -1.43
CA LEU A 148 -9.28 13.77 -2.44
C LEU A 148 -8.00 12.97 -2.24
N ARG A 149 -8.10 11.64 -2.27
CA ARG A 149 -6.98 10.81 -1.85
C ARG A 149 -7.11 9.41 -2.46
N THR A 150 -5.98 8.70 -2.50
CA THR A 150 -5.96 7.39 -3.17
C THR A 150 -5.11 6.37 -2.40
N GLN A 151 -4.63 5.36 -3.12
CA GLN A 151 -4.27 4.08 -2.50
C GLN A 151 -3.02 4.13 -1.64
N GLU A 152 -1.98 4.85 -2.07
CA GLU A 152 -0.65 4.80 -1.46
C GLU A 152 0.03 3.45 -1.64
N SER A 153 -0.38 2.67 -2.63
CA SER A 153 0.37 1.50 -3.09
C SER A 153 -0.05 1.24 -4.53
N GLU A 154 0.54 0.22 -5.14
CA GLU A 154 0.39 0.06 -6.57
C GLU A 154 -1.03 -0.33 -6.98
N CYS A 155 -1.40 0.12 -8.16
CA CYS A 155 -2.58 -0.36 -8.85
C CYS A 155 -2.20 -1.62 -9.64
N VAL A 156 -3.17 -2.20 -10.32
CA VAL A 156 -3.02 -3.43 -11.10
CA VAL A 156 -2.93 -3.38 -11.14
C VAL A 156 -3.79 -3.28 -12.39
N CYS A 157 -3.26 -3.81 -13.48
CA CYS A 157 -3.88 -3.69 -14.78
C CYS A 157 -4.18 -5.07 -15.39
N HIS A 158 -5.19 -5.09 -16.25
CA HIS A 158 -5.50 -6.29 -17.03
C HIS A 158 -5.93 -5.83 -18.43
N ASN A 159 -5.22 -6.30 -19.46
CA ASN A 159 -5.52 -5.93 -20.84
C ASN A 159 -5.59 -4.42 -21.00
N GLY A 160 -4.69 -3.70 -20.33
CA GLY A 160 -4.61 -2.26 -20.42
C GLY A 160 -5.51 -1.49 -19.50
N VAL A 161 -6.46 -2.14 -18.81
CA VAL A 161 -7.39 -1.46 -17.93
C VAL A 161 -6.84 -1.53 -16.52
N CYS A 162 -6.65 -0.37 -15.90
CA CYS A 162 -6.06 -0.26 -14.57
C CYS A 162 -7.06 0.41 -13.64
N PRO A 163 -7.73 -0.32 -12.76
CA PRO A 163 -8.63 0.30 -11.78
C PRO A 163 -7.84 0.94 -10.65
N VAL A 164 -8.40 2.02 -10.11
CA VAL A 164 -7.83 2.75 -8.98
C VAL A 164 -8.97 3.19 -8.07
N VAL A 165 -8.80 3.00 -6.77
CA VAL A 165 -9.78 3.43 -5.78
C VAL A 165 -9.38 4.78 -5.20
N PHE A 166 -10.34 5.71 -5.18
CA PHE A 166 -10.19 7.03 -4.59
C PHE A 166 -11.29 7.26 -3.55
N THR A 167 -10.99 8.11 -2.56
CA THR A 167 -11.97 8.60 -1.62
C THR A 167 -11.87 10.11 -1.53
N ASP A 168 -13.02 10.76 -1.34
CA ASP A 168 -13.06 12.19 -1.10
C ASP A 168 -14.18 12.38 -0.08
N GLY A 169 -13.93 13.15 0.97
CA GLY A 169 -14.90 13.30 2.03
C GLY A 169 -14.31 12.97 3.39
N SER A 170 -15.20 12.84 4.37
CA SER A 170 -14.78 12.67 5.75
C SER A 170 -13.95 11.41 5.96
N ALA A 171 -13.01 11.50 6.90
CA ALA A 171 -12.28 10.33 7.38
C ALA A 171 -12.96 9.71 8.60
N THR A 172 -14.04 10.28 9.09
CA THR A 172 -14.66 9.89 10.34
C THR A 172 -16.17 9.76 10.18
N GLY A 173 -16.60 9.41 8.98
CA GLY A 173 -18.01 9.27 8.68
C GLY A 173 -18.14 8.87 7.22
N PRO A 174 -19.37 8.76 6.72
CA PRO A 174 -19.57 8.42 5.31
C PRO A 174 -18.79 9.36 4.40
N ALA A 175 -18.19 8.79 3.36
CA ALA A 175 -17.41 9.51 2.38
C ALA A 175 -17.79 9.04 0.99
N ASP A 176 -17.24 9.71 -0.02
CA ASP A 176 -17.58 9.45 -1.42
C ASP A 176 -16.40 8.72 -2.08
N THR A 177 -16.49 7.41 -2.13
CA THR A 177 -15.46 6.57 -2.74
C THR A 177 -15.86 6.25 -4.16
N ARG A 178 -14.90 6.32 -5.07
CA ARG A 178 -15.10 6.01 -6.47
C ARG A 178 -14.02 5.06 -6.93
N ILE A 179 -14.40 4.16 -7.85
CA ILE A 179 -13.45 3.32 -8.56
C ILE A 179 -13.37 3.86 -9.98
N TYR A 180 -12.17 4.29 -10.37
CA TYR A 180 -11.90 4.73 -11.72
C TYR A 180 -11.22 3.62 -12.49
N TYR A 181 -11.50 3.57 -13.79
CA TYR A 181 -10.89 2.62 -14.70
C TYR A 181 -10.16 3.38 -15.78
N PHE A 182 -8.83 3.23 -15.84
CA PHE A 182 -7.99 3.96 -16.78
C PHE A 182 -7.44 3.01 -17.84
N LYS A 183 -7.20 3.56 -19.02
CA LYS A 183 -6.42 2.86 -20.05
C LYS A 183 -5.56 3.89 -20.75
N GLU A 184 -4.24 3.69 -20.74
CA GLU A 184 -3.30 4.65 -21.28
CA GLU A 184 -3.29 4.65 -21.27
C GLU A 184 -3.50 6.04 -20.66
N GLY A 185 -3.86 6.04 -19.39
CA GLY A 185 -4.08 7.26 -18.64
C GLY A 185 -5.42 7.91 -18.86
N LYS A 186 -6.21 7.44 -19.81
CA LYS A 186 -7.51 8.01 -20.09
CA LYS A 186 -7.52 7.99 -20.11
C LYS A 186 -8.59 7.36 -19.23
N ILE A 187 -9.57 8.16 -18.84
CA ILE A 187 -10.66 7.66 -18.01
C ILE A 187 -11.64 6.91 -18.91
N LEU A 188 -11.76 5.60 -18.71
CA LEU A 188 -12.79 4.82 -19.40
C LEU A 188 -14.14 4.97 -18.74
N LYS A 189 -14.15 5.00 -17.41
CA LYS A 189 -15.36 4.88 -16.60
C LYS A 189 -14.98 5.19 -15.17
N TRP A 190 -15.95 5.67 -14.39
CA TRP A 190 -15.84 5.59 -12.94
C TRP A 190 -17.17 5.14 -12.37
N GLU A 191 -17.15 4.58 -11.17
CA GLU A 191 -18.33 4.09 -10.45
CA GLU A 191 -18.39 4.27 -10.50
C GLU A 191 -18.25 4.52 -9.00
N SER A 192 -19.39 4.82 -8.41
N SER A 192 -19.38 4.82 -8.40
CA SER A 192 -19.43 5.00 -6.96
CA SER A 192 -19.45 4.96 -6.96
C SER A 192 -19.41 3.64 -6.25
C SER A 192 -19.30 3.59 -6.31
N LEU A 193 -18.75 3.60 -5.09
CA LEU A 193 -18.65 2.38 -4.30
C LEU A 193 -20.02 1.79 -4.06
N THR A 194 -20.11 0.47 -4.21
CA THR A 194 -21.30 -0.32 -3.88
CA THR A 194 -21.31 -0.29 -3.83
C THR A 194 -20.89 -1.42 -2.90
N GLY A 195 -21.88 -2.14 -2.40
CA GLY A 195 -21.62 -3.22 -1.46
C GLY A 195 -21.76 -2.78 -0.02
N THR A 196 -21.21 -3.61 0.88
CA THR A 196 -21.45 -3.41 2.30
C THR A 196 -20.28 -2.76 3.06
N ALA A 197 -19.15 -2.50 2.41
CA ALA A 197 -18.11 -1.73 3.07
C ALA A 197 -18.66 -0.34 3.39
N LYS A 198 -18.45 0.15 4.61
CA LYS A 198 -19.04 1.40 5.06
C LYS A 198 -18.08 2.59 5.00
N HIS A 199 -16.79 2.34 4.85
CA HIS A 199 -15.80 3.40 4.74
C HIS A 199 -14.56 2.78 4.11
N ILE A 200 -13.95 3.51 3.17
CA ILE A 200 -12.79 3.02 2.42
C ILE A 200 -11.67 4.04 2.39
N GLU A 201 -10.47 3.58 2.77
CA GLU A 201 -9.24 4.35 2.63
C GLU A 201 -8.13 3.43 2.16
N GLU A 202 -7.18 3.99 1.39
CA GLU A 202 -5.83 3.42 1.26
C GLU A 202 -5.84 1.95 0.83
N CYS A 203 -6.54 1.64 -0.26
CA CYS A 203 -6.64 0.26 -0.70
CA CYS A 203 -6.65 0.26 -0.72
C CYS A 203 -5.31 -0.30 -1.19
N SER A 204 -5.06 -1.56 -0.84
CA SER A 204 -3.92 -2.34 -1.26
C SER A 204 -4.41 -3.47 -2.15
N CYS A 205 -3.96 -3.51 -3.39
CA CYS A 205 -4.57 -4.36 -4.40
C CYS A 205 -3.57 -5.34 -5.01
N TYR A 206 -4.11 -6.43 -5.52
CA TYR A 206 -3.35 -7.38 -6.32
C TYR A 206 -4.29 -8.01 -7.32
N GLY A 207 -3.72 -8.57 -8.38
CA GLY A 207 -4.50 -9.20 -9.43
C GLY A 207 -4.13 -10.65 -9.63
N GLU A 208 -5.09 -11.41 -10.12
CA GLU A 208 -4.87 -12.77 -10.55
C GLU A 208 -5.98 -13.11 -11.54
N ARG A 209 -5.99 -14.35 -12.01
CA ARG A 209 -6.96 -14.71 -13.04
C ARG A 209 -8.40 -14.44 -12.59
N THR A 210 -8.70 -14.49 -11.29
CA THR A 210 -10.07 -14.25 -10.83
CA THR A 210 -10.07 -14.26 -10.85
C THR A 210 -10.49 -12.80 -10.99
N GLY A 211 -9.56 -11.87 -10.92
CA GLY A 211 -9.87 -10.45 -10.89
C GLY A 211 -8.88 -9.72 -10.01
N ILE A 212 -9.27 -8.53 -9.57
CA ILE A 212 -8.42 -7.68 -8.74
C ILE A 212 -9.05 -7.59 -7.36
N THR A 213 -8.27 -7.85 -6.33
CA THR A 213 -8.72 -7.84 -4.95
C THR A 213 -8.00 -6.72 -4.22
N CYS A 214 -8.77 -5.86 -3.55
CA CYS A 214 -8.23 -4.76 -2.79
C CYS A 214 -8.66 -4.89 -1.34
N THR A 215 -7.71 -4.77 -0.43
CA THR A 215 -7.95 -4.77 1.01
C THR A 215 -7.67 -3.37 1.52
N CYS A 216 -8.65 -2.78 2.20
CA CYS A 216 -8.58 -1.36 2.50
CA CYS A 216 -8.60 -1.36 2.51
C CYS A 216 -8.62 -1.13 4.01
N ARG A 217 -8.82 0.13 4.39
CA ARG A 217 -8.87 0.61 5.76
C ARG A 217 -10.20 1.30 5.98
N ASP A 218 -10.96 0.83 6.95
CA ASP A 218 -12.16 1.53 7.43
C ASP A 218 -11.68 2.41 8.58
N ASN A 219 -11.61 3.71 8.34
CA ASN A 219 -11.13 4.63 9.35
C ASN A 219 -12.22 5.08 10.29
N TRP A 220 -13.48 4.79 9.98
CA TRP A 220 -14.61 5.32 10.72
C TRP A 220 -14.93 4.43 11.93
N GLN A 221 -15.62 3.32 11.76
CA GLN A 221 -16.01 2.48 12.89
C GLN A 221 -15.36 1.11 12.93
N GLY A 222 -14.68 0.68 11.87
CA GLY A 222 -14.29 -0.73 11.73
C GLY A 222 -12.84 -1.02 12.08
N SER A 223 -12.63 -2.18 12.69
CA SER A 223 -11.30 -2.73 12.90
C SER A 223 -11.07 -4.03 12.15
N ASN A 224 -12.11 -4.59 11.54
CA ASN A 224 -11.97 -5.47 10.41
C ASN A 224 -11.73 -4.63 9.15
N ARG A 225 -11.14 -5.23 8.12
CA ARG A 225 -10.82 -4.49 6.92
C ARG A 225 -11.86 -4.69 5.83
N PRO A 226 -12.26 -3.60 5.18
CA PRO A 226 -13.07 -3.72 3.97
C PRO A 226 -12.27 -4.30 2.82
N VAL A 227 -13.01 -4.96 1.92
CA VAL A 227 -12.48 -5.58 0.71
C VAL A 227 -13.31 -5.12 -0.47
N ILE A 228 -12.64 -4.73 -1.55
CA ILE A 228 -13.27 -4.41 -2.82
C ILE A 228 -12.76 -5.43 -3.84
N GLN A 229 -13.68 -6.12 -4.51
CA GLN A 229 -13.33 -7.09 -5.54
CA GLN A 229 -13.35 -7.10 -5.54
C GLN A 229 -13.76 -6.53 -6.88
N ILE A 230 -12.80 -6.38 -7.79
CA ILE A 230 -12.99 -5.69 -9.06
C ILE A 230 -12.84 -6.66 -10.22
N ASP A 231 -13.79 -6.60 -11.13
CA ASP A 231 -13.71 -7.28 -12.42
C ASP A 231 -13.23 -6.26 -13.43
N PRO A 232 -11.97 -6.33 -13.88
CA PRO A 232 -11.44 -5.27 -14.75
C PRO A 232 -11.85 -5.41 -16.20
N VAL A 233 -12.57 -6.47 -16.55
CA VAL A 233 -13.11 -6.64 -17.90
C VAL A 233 -14.48 -5.98 -17.98
N ALA A 234 -15.40 -6.41 -17.10
CA ALA A 234 -16.71 -5.76 -17.00
C ALA A 234 -16.62 -4.36 -16.41
N MET A 235 -15.54 -4.06 -15.70
CA MET A 235 -15.36 -2.80 -14.99
C MET A 235 -16.47 -2.59 -13.96
N THR A 236 -16.65 -3.60 -13.11
CA THR A 236 -17.61 -3.57 -12.01
C THR A 236 -16.94 -4.09 -10.76
N HIS A 237 -17.58 -3.88 -9.63
CA HIS A 237 -17.01 -4.30 -8.35
C HIS A 237 -18.10 -4.64 -7.36
N THR A 238 -17.67 -5.32 -6.30
CA THR A 238 -18.44 -5.57 -5.08
C THR A 238 -17.59 -5.15 -3.89
N SER A 239 -18.21 -5.03 -2.72
CA SER A 239 -17.44 -4.81 -1.50
C SER A 239 -18.10 -5.49 -0.31
N GLN A 240 -17.28 -5.80 0.70
CA GLN A 240 -17.72 -6.33 1.98
C GLN A 240 -16.57 -6.09 2.96
N TYR A 241 -16.56 -6.82 4.07
CA TYR A 241 -15.43 -6.89 4.99
C TYR A 241 -14.85 -8.30 5.00
N ILE A 242 -13.59 -8.41 5.42
CA ILE A 242 -13.04 -9.71 5.80
C ILE A 242 -13.86 -10.23 6.97
N CYS A 243 -14.46 -11.38 6.75
CA CYS A 243 -15.41 -11.97 7.80
CA CYS A 243 -15.26 -11.72 7.92
C CYS A 243 -14.69 -12.52 9.18
N SER A 244 -13.41 -12.83 8.91
CA SER A 244 -12.70 -13.50 9.99
C SER A 244 -12.67 -12.64 11.26
N PRO A 245 -12.71 -13.28 12.43
CA PRO A 245 -12.48 -12.58 13.69
C PRO A 245 -11.02 -12.28 13.97
N VAL A 246 -10.10 -12.68 13.09
CA VAL A 246 -8.72 -12.22 13.18
C VAL A 246 -8.70 -10.81 12.62
N LEU A 247 -8.79 -9.83 13.51
CA LEU A 247 -8.93 -8.44 13.11
C LEU A 247 -7.58 -7.86 12.71
N THR A 248 -7.54 -7.07 11.62
CA THR A 248 -6.24 -6.69 11.07
C THR A 248 -6.03 -5.19 10.88
N ASP A 249 -6.91 -4.32 11.35
CA ASP A 249 -6.60 -2.90 11.40
C ASP A 249 -5.74 -2.62 12.63
N ASN A 250 -5.38 -1.35 12.82
CA ASN A 250 -4.65 -0.91 13.99
C ASN A 250 -5.01 0.56 14.22
N PRO A 251 -5.33 0.97 15.46
CA PRO A 251 -5.58 0.13 16.63
C PRO A 251 -6.80 -0.74 16.42
N ARG A 252 -7.03 -1.71 17.31
CA ARG A 252 -8.15 -2.63 17.13
C ARG A 252 -8.48 -3.26 18.47
N PRO A 253 -9.70 -3.79 18.61
CA PRO A 253 -10.03 -4.65 19.76
C PRO A 253 -9.26 -5.95 19.69
N ASN A 254 -9.34 -6.70 20.78
CA ASN A 254 -8.84 -8.07 20.74
C ASN A 254 -9.73 -8.94 19.85
N ASP A 255 -9.15 -10.03 19.35
CA ASP A 255 -9.87 -10.90 18.40
C ASP A 255 -11.03 -11.60 19.11
N PRO A 256 -12.25 -11.47 18.62
CA PRO A 256 -13.38 -12.22 19.17
C PRO A 256 -13.43 -13.61 18.56
N ASN A 257 -14.56 -14.32 18.69
CA ASN A 257 -14.75 -15.60 18.05
C ASN A 257 -15.70 -15.56 16.85
N ILE A 258 -16.41 -14.45 16.65
CA ILE A 258 -17.25 -14.24 15.48
C ILE A 258 -16.89 -12.89 14.90
N GLY A 259 -16.49 -12.84 13.63
CA GLY A 259 -16.23 -11.59 12.94
C GLY A 259 -17.50 -11.05 12.31
N LYS A 260 -17.30 -10.06 11.43
CA LYS A 260 -18.41 -9.37 10.74
C LYS A 260 -18.08 -9.25 9.26
N CYS A 261 -18.98 -9.76 8.43
CA CYS A 261 -18.80 -9.78 6.99
CA CYS A 261 -18.80 -9.79 6.98
C CYS A 261 -19.31 -8.53 6.29
N ASN A 262 -20.31 -7.85 6.85
CA ASN A 262 -21.04 -6.81 6.14
C ASN A 262 -21.19 -5.54 6.95
N ASP A 263 -20.37 -5.37 7.97
CA ASP A 263 -20.40 -4.17 8.78
C ASP A 263 -19.10 -4.09 9.56
N PRO A 264 -18.77 -2.90 10.06
CA PRO A 264 -17.56 -2.75 10.86
C PRO A 264 -17.66 -3.49 12.20
N TYR A 265 -16.56 -4.15 12.58
N TYR A 265 -16.55 -4.13 12.58
CA TYR A 265 -16.47 -4.70 13.92
CA TYR A 265 -16.45 -4.68 13.91
C TYR A 265 -16.08 -3.57 14.86
C TYR A 265 -16.06 -3.57 14.87
N PRO A 266 -16.84 -3.31 15.92
CA PRO A 266 -16.70 -2.07 16.68
C PRO A 266 -15.70 -2.13 17.82
N GLY A 267 -15.35 -0.95 18.30
CA GLY A 267 -14.53 -0.78 19.49
C GLY A 267 -13.49 0.30 19.35
N ASN A 268 -13.07 0.57 18.12
CA ASN A 268 -12.08 1.59 17.82
C ASN A 268 -12.61 2.44 16.68
N ASN A 269 -12.68 3.74 16.89
CA ASN A 269 -13.23 4.69 15.93
CA ASN A 269 -13.22 4.66 15.92
C ASN A 269 -12.17 5.68 15.47
N ASN A 270 -12.35 6.18 14.26
CA ASN A 270 -11.63 7.35 13.76
C ASN A 270 -10.13 7.13 13.70
N ASN A 271 -9.73 5.94 13.29
CA ASN A 271 -8.30 5.65 13.13
C ASN A 271 -8.16 4.34 12.37
N GLY A 272 -6.92 4.02 12.01
CA GLY A 272 -6.62 2.82 11.26
C GLY A 272 -5.21 2.90 10.75
N VAL A 273 -4.86 1.95 9.89
CA VAL A 273 -3.57 1.93 9.22
C VAL A 273 -3.78 1.25 7.88
N LYS A 274 -3.07 1.70 6.84
CA LYS A 274 -3.09 0.98 5.59
C LYS A 274 -2.52 -0.42 5.79
N GLY A 275 -3.20 -1.43 5.23
CA GLY A 275 -2.73 -2.80 5.29
C GLY A 275 -3.18 -3.61 4.10
N PHE A 276 -3.06 -4.93 4.17
CA PHE A 276 -3.29 -5.74 3.00
C PHE A 276 -3.62 -7.18 3.42
N SER A 277 -4.07 -7.96 2.44
CA SER A 277 -4.23 -9.40 2.60
C SER A 277 -4.14 -10.06 1.23
N TYR A 278 -3.94 -11.38 1.24
CA TYR A 278 -4.09 -12.23 0.08
C TYR A 278 -5.22 -13.21 0.39
N LEU A 279 -6.32 -13.10 -0.34
CA LEU A 279 -7.56 -13.81 -0.04
C LEU A 279 -7.75 -14.87 -1.13
N ASP A 280 -7.51 -16.12 -0.76
CA ASP A 280 -7.36 -17.20 -1.74
C ASP A 280 -7.73 -18.53 -1.11
N GLY A 281 -8.93 -18.62 -0.54
CA GLY A 281 -9.38 -19.90 0.00
C GLY A 281 -8.46 -20.38 1.12
N ALA A 282 -8.03 -21.64 1.02
CA ALA A 282 -7.12 -22.23 2.00
C ALA A 282 -5.72 -21.63 1.93
N ASN A 283 -5.41 -20.85 0.90
CA ASN A 283 -4.13 -20.17 0.73
C ASN A 283 -4.20 -18.72 1.18
N THR A 284 -5.09 -18.38 2.09
CA THR A 284 -5.29 -17.00 2.55
C THR A 284 -4.29 -16.64 3.64
N TRP A 285 -3.64 -15.49 3.47
CA TRP A 285 -2.76 -14.92 4.47
C TRP A 285 -3.13 -13.46 4.71
N LEU A 286 -3.19 -13.08 5.98
CA LEU A 286 -3.49 -11.72 6.41
C LEU A 286 -2.26 -11.12 7.06
N GLY A 287 -1.98 -9.85 6.78
CA GLY A 287 -0.98 -9.10 7.52
C GLY A 287 -1.61 -8.26 8.62
N ARG A 288 -0.89 -8.06 9.72
CA ARG A 288 -1.32 -7.10 10.73
C ARG A 288 -0.15 -6.68 11.61
N THR A 289 -0.29 -5.52 12.24
CA THR A 289 0.61 -5.17 13.33
C THR A 289 0.43 -6.17 14.46
N ILE A 290 1.50 -6.40 15.22
CA ILE A 290 1.38 -7.27 16.38
C ILE A 290 0.62 -6.56 17.49
N SER A 291 0.97 -5.31 17.76
CA SER A 291 0.27 -4.53 18.77
C SER A 291 -1.16 -4.24 18.32
N THR A 292 -2.08 -4.28 19.28
CA THR A 292 -3.45 -3.82 19.06
C THR A 292 -3.60 -2.33 19.31
N ALA A 293 -2.57 -1.68 19.85
CA ALA A 293 -2.67 -0.28 20.25
C ALA A 293 -1.92 0.67 19.34
N SER A 294 -0.79 0.25 18.79
CA SER A 294 0.06 1.17 18.04
CA SER A 294 0.10 1.15 18.06
C SER A 294 0.69 0.44 16.86
N ARG A 295 1.34 1.22 16.00
CA ARG A 295 1.96 0.72 14.78
C ARG A 295 3.32 0.12 15.12
N SER A 296 3.27 -1.03 15.79
CA SER A 296 4.47 -1.73 16.18
CA SER A 296 4.43 -1.76 16.29
C SER A 296 4.30 -3.22 15.90
N GLY A 297 5.41 -3.81 15.45
CA GLY A 297 5.43 -5.18 15.03
C GLY A 297 4.70 -5.44 13.73
N TYR A 298 4.91 -6.62 13.17
CA TYR A 298 4.18 -7.00 11.97
C TYR A 298 4.26 -8.51 11.84
N GLU A 299 3.12 -9.13 11.55
CA GLU A 299 3.08 -10.57 11.36
C GLU A 299 2.16 -10.90 10.18
N MET A 300 2.44 -12.06 9.59
CA MET A 300 1.57 -12.68 8.61
C MET A 300 0.92 -13.90 9.24
N LEU A 301 -0.38 -14.06 9.02
CA LEU A 301 -1.15 -15.17 9.59
C LEU A 301 -1.91 -15.88 8.48
N LYS A 302 -1.79 -17.21 8.45
CA LYS A 302 -2.53 -18.03 7.50
C LYS A 302 -3.89 -18.33 8.12
N VAL A 303 -4.94 -17.78 7.51
CA VAL A 303 -6.30 -17.83 8.06
C VAL A 303 -7.20 -18.37 6.95
N PRO A 304 -7.41 -19.68 6.90
CA PRO A 304 -8.15 -20.27 5.77
C PRO A 304 -9.52 -19.64 5.61
N ASN A 305 -9.84 -19.26 4.38
CA ASN A 305 -11.15 -18.71 4.05
C ASN A 305 -11.50 -17.49 4.89
N ALA A 306 -10.52 -16.67 5.23
CA ALA A 306 -10.79 -15.50 6.08
C ALA A 306 -11.87 -14.61 5.49
N LEU A 307 -11.90 -14.46 4.16
CA LEU A 307 -12.86 -13.54 3.57
C LEU A 307 -14.27 -13.91 3.93
N THR A 308 -14.59 -15.21 3.93
CA THR A 308 -15.95 -15.71 3.95
C THR A 308 -16.34 -16.45 5.23
N ASP A 309 -15.40 -16.78 6.10
CA ASP A 309 -15.65 -17.62 7.27
C ASP A 309 -15.54 -16.75 8.53
N ASP A 310 -16.68 -16.45 9.15
CA ASP A 310 -16.70 -15.56 10.30
C ASP A 310 -16.27 -16.22 11.59
N ARG A 311 -15.77 -17.46 11.54
CA ARG A 311 -15.18 -18.12 12.70
C ARG A 311 -13.70 -18.41 12.51
N SER A 312 -13.13 -18.07 11.36
CA SER A 312 -11.79 -18.53 10.99
C SER A 312 -10.69 -17.97 11.87
N LYS A 313 -9.74 -18.84 12.21
CA LYS A 313 -8.59 -18.52 13.04
C LYS A 313 -7.30 -18.96 12.36
N PRO A 314 -6.14 -18.51 12.86
CA PRO A 314 -4.87 -18.85 12.19
C PRO A 314 -4.47 -20.31 12.34
N ILE A 315 -3.80 -20.83 11.32
CA ILE A 315 -3.20 -22.16 11.38
C ILE A 315 -1.69 -22.15 11.14
N GLN A 316 -1.12 -20.99 10.85
CA GLN A 316 0.31 -20.85 10.61
C GLN A 316 0.59 -19.36 10.65
N GLY A 317 1.84 -18.99 10.88
CA GLY A 317 2.18 -17.57 10.85
C GLY A 317 3.65 -17.34 10.60
N GLN A 318 3.98 -16.06 10.49
CA GLN A 318 5.38 -15.66 10.39
C GLN A 318 5.53 -14.26 10.95
N THR A 319 6.47 -14.09 11.88
CA THR A 319 6.82 -12.75 12.35
C THR A 319 7.67 -12.07 11.29
N ILE A 320 7.34 -10.82 10.98
CA ILE A 320 8.12 -10.00 10.06
C ILE A 320 8.92 -8.95 10.81
N VAL A 321 8.29 -8.26 11.76
CA VAL A 321 8.89 -7.21 12.57
C VAL A 321 8.48 -7.50 14.01
N LEU A 322 9.43 -7.49 14.94
CA LEU A 322 9.09 -7.72 16.34
C LEU A 322 8.21 -6.60 16.87
N ASN A 323 7.39 -6.94 17.87
CA ASN A 323 6.55 -5.93 18.49
C ASN A 323 7.35 -4.81 19.13
N ALA A 324 8.61 -5.07 19.49
CA ALA A 324 9.47 -4.04 20.04
C ALA A 324 9.90 -3.01 19.00
N ASP A 325 9.62 -3.21 17.73
CA ASP A 325 10.08 -2.35 16.66
C ASP A 325 8.90 -1.69 15.95
N TRP A 326 9.12 -0.47 15.49
CA TRP A 326 8.07 0.30 14.83
C TRP A 326 7.81 -0.24 13.43
N SER A 327 6.53 -0.32 13.08
CA SER A 327 6.11 -0.64 11.73
C SER A 327 5.39 0.55 11.12
N GLY A 328 4.25 0.35 10.46
CA GLY A 328 3.69 1.42 9.66
C GLY A 328 2.73 0.83 8.64
N TYR A 329 2.54 1.57 7.56
CA TYR A 329 1.71 1.10 6.45
C TYR A 329 2.27 -0.19 5.87
N SER A 330 1.39 -0.96 5.25
CA SER A 330 1.81 -2.15 4.51
C SER A 330 0.90 -2.31 3.31
N GLY A 331 1.41 -2.98 2.29
CA GLY A 331 0.68 -3.10 1.05
C GLY A 331 1.19 -4.24 0.21
N SER A 332 0.38 -4.60 -0.78
CA SER A 332 0.64 -5.69 -1.69
C SER A 332 1.22 -5.20 -3.01
N PHE A 333 2.03 -6.08 -3.61
CA PHE A 333 2.47 -5.94 -4.99
C PHE A 333 2.86 -7.34 -5.46
N MET A 334 2.95 -7.52 -6.78
CA MET A 334 3.54 -8.72 -7.33
C MET A 334 4.31 -8.38 -8.59
N ASP A 335 5.27 -9.24 -8.91
CA ASP A 335 6.00 -9.13 -10.18
C ASP A 335 5.23 -9.91 -11.23
N TYR A 336 4.29 -9.23 -11.90
CA TYR A 336 3.43 -9.87 -12.88
C TYR A 336 4.18 -10.37 -14.10
N TRP A 337 5.45 -10.01 -14.27
CA TRP A 337 6.24 -10.38 -15.44
C TRP A 337 7.23 -11.50 -15.14
N ALA A 338 7.27 -12.01 -13.93
CA ALA A 338 8.15 -13.12 -13.61
C ALA A 338 7.67 -14.38 -14.32
N GLU A 339 8.60 -15.17 -14.82
CA GLU A 339 8.26 -16.42 -15.48
C GLU A 339 7.79 -17.43 -14.43
N GLY A 340 7.00 -18.37 -14.88
CA GLY A 340 6.47 -19.44 -14.05
C GLY A 340 4.99 -19.62 -14.30
N ASP A 341 4.37 -20.45 -13.49
CA ASP A 341 2.96 -20.79 -13.69
CA ASP A 341 2.96 -20.81 -13.68
C ASP A 341 2.04 -20.13 -12.70
N CYS A 342 2.56 -19.31 -11.79
CA CYS A 342 1.76 -18.67 -10.76
CA CYS A 342 1.76 -18.67 -10.75
C CYS A 342 2.38 -17.32 -10.44
N TYR A 343 1.56 -16.44 -9.88
CA TYR A 343 2.03 -15.15 -9.38
C TYR A 343 2.44 -15.27 -7.92
N ARG A 344 3.65 -14.84 -7.62
CA ARG A 344 4.18 -14.91 -6.26
C ARG A 344 3.75 -13.69 -5.46
N ALA A 345 2.94 -13.90 -4.45
CA ALA A 345 2.49 -12.83 -3.56
C ALA A 345 3.68 -12.13 -2.93
N CYS A 346 3.64 -10.79 -2.89
CA CYS A 346 4.65 -10.00 -2.19
C CYS A 346 3.99 -8.89 -1.38
N PHE A 347 4.75 -8.35 -0.44
CA PHE A 347 4.26 -7.20 0.33
C PHE A 347 5.43 -6.39 0.83
N TYR A 348 5.12 -5.18 1.27
CA TYR A 348 6.10 -4.35 1.96
C TYR A 348 5.50 -3.90 3.28
N VAL A 349 6.41 -3.54 4.20
CA VAL A 349 6.07 -2.88 5.45
C VAL A 349 6.91 -1.61 5.55
N GLU A 350 6.23 -0.49 5.78
CA GLU A 350 6.85 0.78 6.09
C GLU A 350 7.28 0.76 7.54
N LEU A 351 8.55 1.08 7.79
CA LEU A 351 9.13 1.08 9.13
C LEU A 351 9.32 2.55 9.52
N ILE A 352 8.31 3.10 10.22
CA ILE A 352 8.29 4.53 10.50
C ILE A 352 9.23 4.85 11.65
N ARG A 353 10.04 5.89 11.48
CA ARG A 353 10.93 6.40 12.52
C ARG A 353 10.64 7.88 12.74
N GLY A 354 10.91 8.33 13.96
CA GLY A 354 10.69 9.71 14.32
C GLY A 354 9.29 9.96 14.85
N ARG A 355 8.74 11.13 14.57
CA ARG A 355 7.49 11.53 15.19
C ARG A 355 6.29 10.75 14.64
N PRO A 356 5.25 10.53 15.45
CA PRO A 356 5.11 11.04 16.82
C PRO A 356 5.71 10.16 17.90
N LYS A 357 6.09 8.93 17.59
CA LYS A 357 6.48 8.01 18.66
C LYS A 357 7.86 8.28 19.21
N GLU A 358 8.75 8.87 18.40
CA GLU A 358 10.13 9.16 18.78
C GLU A 358 10.33 10.66 18.61
N ASP A 359 9.95 11.43 19.62
CA ASP A 359 9.84 12.87 19.46
C ASP A 359 11.08 13.62 19.90
N LYS A 360 12.19 12.92 20.18
CA LYS A 360 13.44 13.62 20.40
C LYS A 360 14.03 14.14 19.09
N VAL A 361 13.65 13.58 17.96
CA VAL A 361 13.91 14.19 16.67
C VAL A 361 12.68 14.96 16.24
N TRP A 362 12.87 15.88 15.28
CA TRP A 362 11.82 16.74 14.81
C TRP A 362 11.23 16.30 13.48
N TRP A 363 11.71 15.18 12.94
CA TRP A 363 11.27 14.66 11.66
C TRP A 363 10.48 13.37 11.83
N THR A 364 9.83 12.99 10.74
CA THR A 364 9.20 11.67 10.55
C THR A 364 9.69 11.15 9.21
N SER A 365 10.19 9.93 9.19
CA SER A 365 10.54 9.28 7.93
C SER A 365 10.29 7.79 8.08
N ASN A 366 10.87 7.00 7.18
CA ASN A 366 10.67 5.56 7.22
C ASN A 366 11.78 4.88 6.45
N SER A 367 11.90 3.57 6.67
CA SER A 367 12.55 2.71 5.70
C SER A 367 11.56 1.65 5.25
N ILE A 368 12.02 0.75 4.38
CA ILE A 368 11.18 -0.25 3.76
C ILE A 368 11.79 -1.63 4.01
N VAL A 369 10.93 -2.61 4.31
CA VAL A 369 11.25 -4.02 4.15
C VAL A 369 10.16 -4.65 3.30
N SER A 370 10.54 -5.63 2.49
CA SER A 370 9.62 -6.27 1.58
CA SER A 370 9.59 -6.29 1.63
C SER A 370 9.92 -7.76 1.51
N MET A 371 8.88 -8.57 1.36
CA MET A 371 8.95 -10.04 1.36
CA MET A 371 9.06 -10.01 1.24
C MET A 371 8.13 -10.57 0.19
N CYS A 372 8.46 -11.77 -0.29
CA CYS A 372 7.62 -12.50 -1.22
CA CYS A 372 7.58 -12.50 -1.19
C CYS A 372 7.43 -13.92 -0.70
N SER A 373 6.44 -14.61 -1.25
CA SER A 373 6.14 -15.95 -0.75
C SER A 373 7.08 -17.00 -1.32
N SER A 374 7.22 -18.07 -0.54
CA SER A 374 7.91 -19.28 -0.94
C SER A 374 6.99 -20.47 -0.78
N THR A 375 7.19 -21.48 -1.64
CA THR A 375 6.55 -22.77 -1.41
C THR A 375 7.32 -23.64 -0.43
N GLU A 376 8.53 -23.26 -0.05
CA GLU A 376 9.21 -23.90 1.07
C GLU A 376 8.63 -23.36 2.37
N PHE A 377 8.92 -24.06 3.47
CA PHE A 377 8.62 -23.60 4.84
C PHE A 377 9.92 -23.07 5.43
N LEU A 378 10.24 -21.82 5.09
CA LEU A 378 11.52 -21.23 5.45
C LEU A 378 11.55 -20.73 6.88
N GLY A 379 12.75 -20.77 7.46
CA GLY A 379 12.97 -20.14 8.75
C GLY A 379 12.67 -18.66 8.70
N GLN A 380 12.26 -18.11 9.85
CA GLN A 380 11.95 -16.69 9.96
C GLN A 380 13.01 -15.89 10.71
N TRP A 381 13.27 -14.69 10.21
CA TRP A 381 13.97 -13.66 10.94
C TRP A 381 12.97 -12.55 11.25
N ASN A 382 13.45 -11.48 11.86
CA ASN A 382 12.70 -10.25 12.03
C ASN A 382 13.53 -9.13 11.44
N TRP A 383 12.86 -8.08 10.97
CA TRP A 383 13.46 -7.11 10.08
C TRP A 383 13.19 -5.68 10.54
N PRO A 384 13.94 -5.19 11.52
CA PRO A 384 13.74 -3.82 12.00
C PRO A 384 14.33 -2.79 11.06
N ASP A 385 13.93 -1.54 11.27
CA ASP A 385 14.55 -0.43 10.54
C ASP A 385 16.06 -0.42 10.75
N GLY A 386 16.50 -0.51 11.99
CA GLY A 386 17.89 -0.65 12.35
C GLY A 386 18.64 0.62 12.70
N ALA A 387 18.00 1.78 12.63
CA ALA A 387 18.69 3.02 12.99
C ALA A 387 18.62 3.25 14.49
N LYS A 388 19.65 3.89 15.02
CA LYS A 388 19.72 4.30 16.41
CA LYS A 388 19.72 4.29 16.41
C LYS A 388 19.37 5.78 16.46
N ILE A 389 18.19 6.08 17.01
CA ILE A 389 17.68 7.44 16.96
C ILE A 389 18.61 8.41 17.68
N GLU A 390 19.31 7.95 18.70
CA GLU A 390 20.17 8.82 19.49
CA GLU A 390 20.14 8.88 19.45
C GLU A 390 21.27 9.44 18.62
N TYR A 391 21.63 8.78 17.52
CA TYR A 391 22.66 9.30 16.63
C TYR A 391 22.25 10.59 15.95
N PHE A 392 20.95 10.86 15.87
CA PHE A 392 20.41 12.03 15.19
C PHE A 392 20.26 13.23 16.10
N LEU A 393 20.63 13.09 17.37
CA LEU A 393 20.42 14.16 18.33
C LEU A 393 21.62 15.07 18.42
C1 NAG B . -11.08 26.38 -5.90
C2 NAG B . -11.46 27.70 -5.22
C3 NAG B . -12.11 28.67 -6.21
C4 NAG B . -11.28 28.80 -7.48
C5 NAG B . -11.05 27.39 -8.04
C6 NAG B . -10.28 27.35 -9.33
C7 NAG B . -12.04 27.77 -2.83
C8 NAG B . -13.09 27.46 -1.80
N2 NAG B . -12.35 27.46 -4.09
O3 NAG B . -12.25 29.93 -5.57
O4 NAG B . -12.01 29.59 -8.43
O5 NAG B . -10.30 26.65 -7.08
O6 NAG B . -9.09 28.09 -9.23
O7 NAG B . -10.97 28.30 -2.54
H1 NAG B . -11.89 25.90 -6.15
H2 NAG B . -10.64 28.12 -4.89
H3 NAG B . -12.99 28.33 -6.45
H4 NAG B . -10.42 29.21 -7.29
H5 NAG B . -11.91 26.95 -8.16
H61 NAG B . -10.83 27.71 -10.04
H62 NAG B . -10.06 26.42 -9.54
H81 NAG B . -12.76 27.73 -0.91
H82 NAG B . -13.90 27.95 -2.01
H83 NAG B . -13.27 26.50 -1.80
HN2 NAG B . -13.15 27.07 -4.26
HO3 NAG B . -13.06 30.26 -5.74
HO6 NAG B . -8.63 28.03 -10.00
C1 NAG B . -11.24 30.62 -9.03
C2 NAG B . -11.83 31.01 -10.37
C3 NAG B . -10.95 32.09 -10.95
C4 NAG B . -10.91 33.30 -10.02
C5 NAG B . -10.45 32.83 -8.63
C6 NAG B . -10.51 33.91 -7.58
C6 NAG B . -10.51 33.90 -7.58
C7 NAG B . -13.05 29.18 -11.46
C8 NAG B . -12.95 28.05 -12.44
N2 NAG B . -11.93 29.89 -11.28
O3 NAG B . -11.30 32.46 -12.28
O4 NAG B . -9.95 34.22 -10.51
O5 NAG B . -11.27 31.75 -8.16
O6 NAG B . -11.84 34.33 -7.33
O6 NAG B . -9.95 33.44 -6.35
O7 NAG B . -14.10 29.44 -10.87
H1 NAG B . -10.32 30.33 -9.15
H2 NAG B . -12.72 31.39 -10.22
H3 NAG B . -10.04 31.73 -10.99
H4 NAG B . -11.79 33.71 -9.97
H5 NAG B . -9.53 32.51 -8.70
H61 NAG B . -9.98 34.68 -7.89
H61 NAG B . -10.01 34.68 -7.89
H62 NAG B . -10.12 33.56 -6.75
H62 NAG B . -11.44 34.16 -7.43
H81 NAG B . -13.81 27.60 -12.50
H82 NAG B . -12.27 27.42 -12.13
H83 NAG B . -12.70 28.40 -13.32
HN2 NAG B . -11.18 29.65 -11.75
HO3 NAG B . -11.48 31.73 -12.74
HO6 NAG B . -12.12 34.83 -8.02
HO6 NAG B . -10.03 34.07 -5.74
C1 BMA B . -10.44 35.56 -10.69
C2 BMA B . -9.20 36.44 -10.75
C3 BMA B . -9.62 37.85 -11.07
C4 BMA B . -10.55 37.89 -12.25
C5 BMA B . -11.71 36.92 -12.10
C6 BMA B . -12.56 36.88 -13.32
O2 BMA B . -8.32 35.98 -11.79
O3 BMA B . -8.46 38.63 -11.34
O4 BMA B . -11.09 39.23 -12.40
O5 BMA B . -11.17 35.59 -11.87
O6 BMA B . -13.79 36.22 -13.08
H1 BMA B . -11.07 35.85 -9.83
H2 BMA B . -8.69 36.40 -9.78
H3 BMA B . -10.12 38.31 -10.21
H4 BMA B . -9.98 37.59 -13.15
H5 BMA B . -12.34 37.22 -11.25
H61 BMA B . -12.73 37.92 -13.65
H62 BMA B . -11.97 36.38 -14.10
HO2 BMA B . -7.45 35.85 -11.37
HO4 BMA B . -10.60 39.63 -13.13
C1 MAN B . -8.49 39.91 -10.69
C2 MAN B . -7.30 40.67 -11.23
C3 MAN B . -5.99 40.02 -10.75
C4 MAN B . -5.99 39.93 -9.22
C5 MAN B . -7.21 39.09 -8.81
C6 MAN B . -7.37 38.92 -7.30
O2 MAN B . -7.49 41.97 -10.66
O3 MAN B . -4.81 40.68 -11.24
O4 MAN B . -4.78 39.32 -8.73
O5 MAN B . -8.42 39.77 -9.28
O6 MAN B . -8.39 37.91 -7.07
H1 MAN B . -9.43 40.44 -10.89
H2 MAN B . -7.34 40.69 -12.33
H3 MAN B . -5.94 39.00 -11.14
H4 MAN B . -6.10 40.96 -8.81
H5 MAN B . -7.13 38.10 -9.27
H61 MAN B . -7.65 39.88 -6.86
H62 MAN B . -6.40 38.61 -6.89
HO3 MAN B . -4.47 40.10 -11.94
HO4 MAN B . -4.22 40.05 -8.42
C1 MAN B . -6.56 42.98 -11.07
C2 MAN B . -6.98 44.20 -10.27
C3 MAN B . -8.33 44.71 -10.74
C4 MAN B . -8.33 44.96 -12.22
C5 MAN B . -7.90 43.69 -12.97
C6 MAN B . -7.72 43.90 -14.47
O2 MAN B . -6.04 45.24 -10.51
O3 MAN B . -8.72 45.92 -10.03
O4 MAN B . -9.65 45.31 -12.67
O5 MAN B . -6.64 43.24 -12.45
O6 MAN B . -7.02 45.12 -14.78
H1 MAN B . -5.52 42.69 -10.87
H2 MAN B . -7.02 43.94 -9.20
H3 MAN B . -9.10 43.95 -10.52
H4 MAN B . -7.59 45.76 -12.43
H5 MAN B . -8.65 42.92 -12.82
H61 MAN B . -8.72 43.90 -14.93
H62 MAN B . -7.17 43.03 -14.86
HO3 MAN B . -9.25 45.61 -9.27
HO4 MAN B . -9.63 46.27 -12.82
C1 MAN B . -5.17 45.50 -9.41
C2 MAN B . -4.41 46.74 -9.85
C3 MAN B . -3.45 46.38 -10.98
C4 MAN B . -2.53 45.22 -10.56
C5 MAN B . -3.37 44.02 -10.18
C6 MAN B . -2.55 42.85 -9.68
O2 MAN B . -3.62 47.23 -8.77
O3 MAN B . -2.70 47.51 -11.42
O4 MAN B . -1.66 44.80 -11.62
O5 MAN B . -4.29 44.38 -9.13
O6 MAN B . -1.86 43.19 -8.50
H1 MAN B . -5.74 45.67 -8.49
H2 MAN B . -5.13 47.50 -10.18
H3 MAN B . -4.03 46.05 -11.84
H4 MAN B . -1.96 45.54 -9.67
H5 MAN B . -3.94 43.70 -11.07
H61 MAN B . -1.85 42.56 -10.48
H62 MAN B . -3.23 42.01 -9.52
HO2 MAN B . -4.04 48.03 -8.42
HO3 MAN B . -2.94 48.23 -10.81
HO4 MAN B . -1.09 45.55 -11.79
C1 MAN B . -14.83 37.12 -12.66
C2 MAN B . -16.02 36.25 -12.31
C3 MAN B . -16.62 35.63 -13.54
C4 MAN B . -16.93 36.70 -14.60
C5 MAN B . -15.63 37.45 -14.91
C6 MAN B . -15.82 38.55 -15.93
O2 MAN B . -17.03 37.08 -11.71
O3 MAN B . -17.83 34.91 -13.20
O4 MAN B . -17.39 36.07 -15.75
O5 MAN B . -15.15 38.04 -13.72
O6 MAN B . -16.86 39.42 -15.45
H1 MAN B . -14.51 37.73 -11.81
H2 MAN B . -15.69 35.46 -11.61
H3 MAN B . -15.92 34.90 -13.96
H4 MAN B . -17.67 37.41 -14.20
H5 MAN B . -14.89 36.74 -15.30
H61 MAN B . -16.09 38.08 -16.90
H62 MAN B . -14.86 39.07 -16.05
HO2 MAN B . -16.95 37.05 -10.76
HO4 MAN B . -18.36 36.18 -15.72
C1 MAN B . -17.71 33.49 -13.43
C2 MAN B . -19.11 32.85 -13.31
C3 MAN B . -19.59 32.98 -11.86
C4 MAN B . -18.56 32.37 -10.89
C5 MAN B . -17.18 33.03 -11.12
C6 MAN B . -16.09 32.36 -10.30
O2 MAN B . -19.04 31.46 -13.57
O3 MAN B . -20.86 32.37 -11.65
O4 MAN B . -18.93 32.59 -9.55
O5 MAN B . -16.83 32.88 -12.50
O6 MAN B . -14.90 33.13 -10.42
H1 MAN B . -17.28 33.29 -14.42
H2 MAN B . -19.81 33.36 -13.99
H3 MAN B . -19.71 34.04 -11.62
H4 MAN B . -18.46 31.30 -11.11
H5 MAN B . -17.24 34.09 -10.85
H61 MAN B . -15.95 31.34 -10.68
H62 MAN B . -16.44 32.30 -9.27
HO3 MAN B . -21.48 33.10 -11.52
HO4 MAN B . -19.26 31.73 -9.22
C1 MAN B . -18.86 31.15 -14.97
C2 MAN B . -19.46 29.76 -15.19
C3 MAN B . -18.60 28.69 -14.51
C4 MAN B . -17.12 28.82 -14.96
C5 MAN B . -16.61 30.24 -14.69
C6 MAN B . -15.17 30.45 -15.19
O2 MAN B . -19.46 29.41 -16.58
O3 MAN B . -19.09 27.38 -14.75
O4 MAN B . -16.28 27.88 -14.26
O5 MAN B . -17.47 31.18 -15.37
O6 MAN B . -14.77 31.84 -14.96
H1 MAN B . -19.35 31.90 -15.60
H2 MAN B . -20.49 29.73 -14.79
H3 MAN B . -18.64 28.85 -13.43
H4 MAN B . -17.08 28.64 -16.05
H5 MAN B . -16.62 30.42 -13.60
H61 MAN B . -14.51 29.74 -14.67
H62 MAN B . -15.17 30.20 -16.26
HO2 MAN B . -20.37 29.46 -16.92
HO3 MAN B . -19.56 27.13 -13.94
HO4 MAN B . -16.24 27.09 -14.84
C1 MAN B . -17.11 40.48 -16.41
C2 MAN B . -18.29 41.28 -15.86
C3 MAN B . -19.54 40.39 -15.91
C4 MAN B . -19.77 39.84 -17.31
C5 MAN B . -18.53 39.08 -17.79
C6 MAN B . -18.67 38.60 -19.25
O2 MAN B . -18.56 42.41 -16.68
O3 MAN B . -20.69 41.06 -15.43
O4 MAN B . -20.86 38.93 -17.31
O5 MAN B . -17.38 39.96 -17.71
O6 MAN B . -17.39 38.13 -19.69
H1 MAN B . -16.22 41.12 -16.53
H2 MAN B . -18.07 41.57 -14.83
H3 MAN B . -19.38 39.54 -15.23
H4 MAN B . -19.97 40.68 -18.00
H5 MAN B . -18.37 38.20 -17.16
H61 MAN B . -19.01 39.45 -19.86
H62 MAN B . -19.42 37.82 -19.27
HO2 MAN B . -18.15 43.19 -16.28
HO3 MAN B . -20.86 40.70 -14.54
HO4 MAN B . -21.60 39.41 -17.74
C1 EDO C . 7.37 -16.50 -10.16
O1 EDO C . 7.66 -15.50 -9.17
C2 EDO C . 6.56 -17.64 -9.55
O2 EDO C . 7.29 -18.18 -8.43
H11 EDO C . 6.79 -16.04 -10.97
H12 EDO C . 8.29 -16.89 -10.57
HO1 EDO C . 8.17 -14.78 -9.58
H21 EDO C . 6.40 -18.42 -10.29
H22 EDO C . 5.59 -17.27 -9.21
HO2 EDO C . 6.78 -18.91 -8.04
C1 EDO D . 4.76 -16.01 14.19
O1 EDO D . 6.05 -15.91 14.83
C2 EDO D . 3.96 -14.74 14.49
O2 EDO D . 2.58 -14.91 14.18
H11 EDO D . 4.88 -16.14 13.11
H12 EDO D . 4.22 -16.89 14.57
HO1 EDO D . 6.57 -16.70 14.65
H21 EDO D . 4.36 -13.92 13.89
H22 EDO D . 4.07 -14.48 15.54
HO2 EDO D . 2.10 -14.09 14.38
C1 EDO E . 13.48 -13.67 14.62
O1 EDO E . 14.15 -14.82 15.15
C2 EDO E . 11.98 -13.82 14.94
O2 EDO E . 11.17 -13.54 13.80
H11 EDO E . 13.87 -12.77 15.08
H12 EDO E . 13.61 -13.61 13.54
HO1 EDO E . 15.09 -14.75 14.95
H21 EDO E . 11.79 -14.84 15.29
H22 EDO E . 11.71 -13.14 15.75
HO2 EDO E . 10.24 -13.65 14.03
C1 EDO F . -3.54 12.38 2.24
O1 EDO F . -2.98 13.12 3.31
C2 EDO F . -4.75 11.61 2.72
O2 EDO F . -4.36 10.66 3.72
H11 EDO F . -2.80 11.69 1.84
H12 EDO F . -3.84 13.06 1.44
HO1 EDO F . -2.21 13.62 2.99
H21 EDO F . -5.22 11.09 1.88
H22 EDO F . -5.49 12.29 3.14
HO2 EDO F . -5.14 10.17 4.01
C1 EDO G . -6.22 8.09 5.57
O1 EDO G . -5.17 8.86 6.18
C2 EDO G . -7.37 7.92 6.56
O2 EDO G . -8.16 9.10 6.56
H11 EDO G . -5.84 7.11 5.29
H12 EDO G . -6.59 8.59 4.68
HO1 EDO G . -4.45 8.97 5.55
H21 EDO G . -6.96 7.75 7.57
H22 EDO G . -7.97 7.06 6.29
HO2 EDO G . -8.89 9.01 7.19
O1 MES H . -10.11 -10.31 -14.58
C2 MES H . -8.83 -10.93 -14.57
C3 MES H . -8.62 -11.82 -15.78
N4 MES H . -9.67 -12.82 -15.85
C5 MES H . -11.02 -12.23 -15.79
C6 MES H . -11.13 -11.32 -14.57
C7 MES H . -9.53 -13.72 -17.01
C8 MES H . -8.41 -14.75 -16.86
S MES H . -8.23 -15.78 -18.19
O1S MES H . -9.40 -16.71 -18.29
O2S MES H . -8.16 -14.95 -19.40
O3S MES H . -6.95 -16.49 -18.05
H21 MES H . -8.05 -10.16 -14.56
H22 MES H . -8.71 -11.51 -13.66
H31 MES H . -8.63 -11.23 -16.69
H32 MES H . -7.64 -12.31 -15.72
HN4 MES H . -9.57 -13.41 -15.02
H51 MES H . -11.77 -13.03 -15.73
H52 MES H . -11.21 -11.66 -16.69
H61 MES H . -11.03 -11.92 -13.66
H62 MES H . -12.11 -10.86 -14.56
H71 MES H . -10.47 -14.25 -17.16
H72 MES H . -9.35 -13.12 -17.90
H81 MES H . -8.59 -15.36 -15.97
H82 MES H . -7.47 -14.22 -16.69
C1 NAG I . 12.08 22.63 14.87
C2 NAG I . 13.30 23.03 15.72
C3 NAG I . 12.86 23.49 17.10
C4 NAG I . 11.82 24.60 16.98
C5 NAG I . 10.68 24.15 16.06
C6 NAG I . 9.69 25.26 15.77
C7 NAG I . 15.54 22.01 15.52
C8 NAG I . 16.34 20.75 15.69
N2 NAG I . 14.24 21.92 15.83
O3 NAG I . 13.99 23.94 17.84
O4 NAG I . 11.27 24.88 18.26
O5 NAG I . 11.20 23.72 14.79
O6 NAG I . 8.46 24.72 15.32
O7 NAG I . 16.04 23.04 15.12
H1 NAG I . 11.64 21.87 15.30
H2 NAG I . 13.75 23.77 15.28
H3 NAG I . 12.46 22.73 17.57
H4 NAG I . 12.23 25.40 16.61
H5 NAG I . 10.21 23.40 16.48
H61 NAG I . 9.54 25.77 16.59
H62 NAG I . 10.06 25.84 15.09
H81 NAG I . 16.31 20.47 16.62
H82 NAG I . 15.97 20.05 15.12
H83 NAG I . 17.27 20.93 15.44
HN2 NAG I . 13.92 21.11 16.13
HO3 NAG I . 13.98 23.57 18.64
HO4 NAG I . 11.70 25.58 18.61
HO6 NAG I . 7.86 25.37 15.27
CA CA J . -10.28 1.45 11.68
#